data_6X8K
#
_entry.id   6X8K
#
_cell.length_a   69.863
_cell.length_b   96.908
_cell.length_c   100.460
_cell.angle_alpha   90.000
_cell.angle_beta   90.000
_cell.angle_gamma   90.000
#
_symmetry.space_group_name_H-M   'P 21 21 2'
#
loop_
_entity.id
_entity.type
_entity.pdbx_description
1 polymer Caspase-3
2 polymer Caspase-3
3 polymer 'ketomethylene inhibitor'
4 water water
#
loop_
_entity_poly.entity_id
_entity_poly.type
_entity_poly.pdbx_seq_one_letter_code
_entity_poly.pdbx_strand_id
1 'polypeptide(L)'
;MENTENSVDSKSIKNLEPKIIHGSESMDSGISLDNSYKMDYPEMGLCIIINNKNFHKSTGMTSRSGTDVDAANLRETFRN
LKYEVRNKNDLTREEIVELMRDVSKEDHSKRSSFVCVLLSHGEEGIIFGTNGPVDLKKITNFFRGDRCRSLTGKPKLFII
QACRGTELDCGIETD
;
A,B
2 'polypeptide(L)'
;SGVDDDMACHKIPVEADFLYAYSTAPGYYSWRNSKDGSWFIQSLCAMLKQYADKLEFMHILTRVNRKVATEFESFSFDAT
FHAKKQIPCIVSMLTKELYFYHLEHHHHHH
;
C,D
3 'polypeptide(L)' (ACE)DEV(Y2Y)AAA E,F
#
loop_
_chem_comp.id
_chem_comp.type
_chem_comp.name
_chem_comp.formula
ACE non-polymer 'ACETYL GROUP' 'C2 H4 O'
Y2Y non-polymer '(3S,4R)-3-amino-4-hydroxyheptanedioic acid' 'C7 H13 N O5'
#
# COMPACT_ATOMS: atom_id res chain seq x y z
N ASN A 35 -3.03 -41.12 -16.90
CA ASN A 35 -2.58 -40.07 -17.82
C ASN A 35 -3.51 -38.85 -17.89
N SER A 36 -4.79 -39.04 -17.61
CA SER A 36 -5.78 -37.98 -17.71
C SER A 36 -6.77 -38.08 -16.55
N TYR A 37 -7.24 -36.93 -16.05
CA TYR A 37 -8.12 -36.93 -14.90
C TYR A 37 -9.48 -37.52 -15.26
N LYS A 38 -10.10 -38.23 -14.29
CA LYS A 38 -11.43 -38.80 -14.53
C LYS A 38 -12.47 -37.68 -14.54
N MET A 39 -12.95 -37.32 -15.71
CA MET A 39 -13.98 -36.30 -15.85
C MET A 39 -15.36 -36.91 -16.07
N ASP A 40 -15.53 -38.18 -15.71
CA ASP A 40 -16.76 -38.92 -15.88
C ASP A 40 -17.54 -39.04 -14.57
N TYR A 41 -17.38 -38.08 -13.66
CA TYR A 41 -18.10 -38.12 -12.40
C TYR A 41 -19.54 -37.65 -12.63
N PRO A 42 -20.45 -37.90 -11.67
CA PRO A 42 -21.84 -37.47 -11.87
C PRO A 42 -22.01 -36.00 -12.25
N GLU A 43 -21.19 -35.11 -11.67
CA GLU A 43 -21.23 -33.68 -11.99
C GLU A 43 -19.86 -33.20 -12.44
N MET A 44 -19.87 -32.21 -13.34
CA MET A 44 -18.62 -31.57 -13.75
C MET A 44 -17.97 -30.90 -12.55
N GLY A 45 -18.75 -30.13 -11.78
CA GLY A 45 -18.30 -29.55 -10.54
C GLY A 45 -18.80 -28.13 -10.38
N LEU A 46 -18.23 -27.48 -9.37
CA LEU A 46 -18.54 -26.12 -8.94
C LEU A 46 -17.63 -25.10 -9.63
N CYS A 47 -18.21 -24.01 -10.09
CA CYS A 47 -17.44 -22.89 -10.65
C CYS A 47 -17.91 -21.63 -9.94
N ILE A 48 -17.07 -21.08 -9.07
CA ILE A 48 -17.36 -19.88 -8.29
C ILE A 48 -16.79 -18.68 -9.00
N ILE A 49 -17.63 -17.67 -9.26
CA ILE A 49 -17.16 -16.42 -9.82
C ILE A 49 -17.34 -15.35 -8.77
N ILE A 50 -16.23 -14.74 -8.34
CA ILE A 50 -16.27 -13.61 -7.42
C ILE A 50 -15.96 -12.37 -8.24
N ASN A 51 -16.98 -11.50 -8.43
CA ASN A 51 -16.89 -10.33 -9.31
C ASN A 51 -16.91 -9.07 -8.46
N ASN A 52 -15.78 -8.38 -8.36
CA ASN A 52 -15.68 -7.14 -7.60
C ASN A 52 -15.46 -5.96 -8.54
N LYS A 53 -16.36 -4.98 -8.49
CA LYS A 53 -16.30 -3.81 -9.35
C LYS A 53 -16.11 -2.49 -8.59
N ASN A 54 -16.70 -2.35 -7.39
CA ASN A 54 -16.72 -1.09 -6.63
C ASN A 54 -16.09 -1.30 -5.26
N PHE A 55 -15.14 -0.44 -4.91
CA PHE A 55 -14.32 -0.62 -3.73
C PHE A 55 -14.45 0.58 -2.79
N HIS A 56 -14.36 0.30 -1.49
CA HIS A 56 -14.36 1.34 -0.46
C HIS A 56 -13.34 2.45 -0.77
N LYS A 57 -13.67 3.66 -0.30
CA LYS A 57 -12.76 4.79 -0.45
C LYS A 57 -11.45 4.53 0.27
N SER A 58 -11.49 3.70 1.32
CA SER A 58 -10.29 3.38 2.08
C SER A 58 -9.23 2.69 1.23
N THR A 59 -9.62 1.97 0.17
CA THR A 59 -8.67 1.22 -0.63
C THR A 59 -8.01 2.06 -1.70
N GLY A 60 -8.64 3.15 -2.11
CA GLY A 60 -8.18 3.93 -3.24
C GLY A 60 -8.37 3.28 -4.60
N MET A 61 -9.03 2.12 -4.66
CA MET A 61 -9.14 1.36 -5.90
C MET A 61 -10.24 1.91 -6.81
N THR A 62 -9.93 2.10 -8.09
CA THR A 62 -10.88 2.57 -9.08
C THR A 62 -11.95 1.51 -9.35
N SER A 63 -13.10 1.97 -9.83
CA SER A 63 -14.17 1.06 -10.21
C SER A 63 -13.80 0.31 -11.50
N ARG A 64 -14.20 -0.96 -11.59
CA ARG A 64 -13.76 -1.81 -12.71
C ARG A 64 -14.87 -1.93 -13.75
N SER A 65 -15.02 -0.87 -14.55
CA SER A 65 -15.95 -0.86 -15.67
C SER A 65 -15.59 -1.94 -16.69
N GLY A 66 -16.61 -2.61 -17.24
CA GLY A 66 -16.42 -3.74 -18.10
C GLY A 66 -16.49 -5.11 -17.41
N THR A 67 -16.49 -5.16 -16.07
CA THR A 67 -16.36 -6.44 -15.37
C THR A 67 -17.68 -7.21 -15.28
N ASP A 68 -18.82 -6.54 -15.45
CA ASP A 68 -20.11 -7.24 -15.58
C ASP A 68 -20.11 -8.14 -16.81
N VAL A 69 -19.65 -7.61 -17.96
CA VAL A 69 -19.47 -8.39 -19.18
C VAL A 69 -18.66 -9.65 -18.89
N ASP A 70 -17.48 -9.48 -18.25
CA ASP A 70 -16.63 -10.62 -17.89
C ASP A 70 -17.41 -11.70 -17.13
N ALA A 71 -18.13 -11.31 -16.07
CA ALA A 71 -18.79 -12.34 -15.28
C ALA A 71 -19.96 -12.96 -16.03
N ALA A 72 -20.55 -12.23 -16.99
CA ALA A 72 -21.63 -12.76 -17.80
C ALA A 72 -21.11 -13.62 -18.94
N ASN A 73 -19.93 -13.28 -19.49
CA ASN A 73 -19.30 -14.15 -20.49
C ASN A 73 -18.82 -15.44 -19.85
N LEU A 74 -18.27 -15.36 -18.63
CA LEU A 74 -17.84 -16.57 -17.92
C LEU A 74 -19.02 -17.42 -17.49
N ARG A 75 -20.11 -16.79 -17.10
CA ARG A 75 -21.30 -17.53 -16.68
C ARG A 75 -21.81 -18.43 -17.80
N GLU A 76 -22.02 -17.87 -18.99
CA GLU A 76 -22.54 -18.68 -20.10
C GLU A 76 -21.52 -19.72 -20.56
N THR A 77 -20.22 -19.38 -20.54
CA THR A 77 -19.17 -20.30 -20.99
C THR A 77 -19.08 -21.53 -20.08
N PHE A 78 -19.10 -21.32 -18.77
CA PHE A 78 -19.02 -22.46 -17.86
C PHE A 78 -20.35 -23.17 -17.68
N ARG A 79 -21.46 -22.49 -17.94
CA ARG A 79 -22.76 -23.17 -18.00
C ARG A 79 -22.74 -24.26 -19.08
N ASN A 80 -22.36 -23.88 -20.30
CA ASN A 80 -22.34 -24.79 -21.44
C ASN A 80 -21.29 -25.89 -21.29
N LEU A 81 -20.33 -25.74 -20.39
CA LEU A 81 -19.39 -26.80 -20.04
C LEU A 81 -19.92 -27.68 -18.92
N LYS A 82 -21.19 -27.52 -18.56
CA LYS A 82 -21.88 -28.32 -17.55
C LYS A 82 -21.36 -28.10 -16.13
N TYR A 83 -20.88 -26.89 -15.83
CA TYR A 83 -20.49 -26.51 -14.48
C TYR A 83 -21.63 -25.75 -13.79
N GLU A 84 -21.71 -25.92 -12.47
CA GLU A 84 -22.64 -25.16 -11.63
C GLU A 84 -22.02 -23.81 -11.28
N VAL A 85 -22.57 -22.74 -11.89
CA VAL A 85 -22.03 -21.38 -11.80
C VAL A 85 -22.76 -20.59 -10.71
N ARG A 86 -21.99 -20.02 -9.78
CA ARG A 86 -22.50 -19.10 -8.75
C ARG A 86 -21.75 -17.78 -8.87
N ASN A 87 -22.43 -16.73 -9.29
CA ASN A 87 -21.85 -15.39 -9.29
C ASN A 87 -22.07 -14.76 -7.91
N LYS A 88 -21.01 -14.18 -7.34
CA LYS A 88 -21.13 -13.34 -6.15
C LYS A 88 -20.61 -11.95 -6.50
N ASN A 89 -21.27 -10.92 -5.99
CA ASN A 89 -20.90 -9.56 -6.35
C ASN A 89 -20.40 -8.80 -5.12
N ASP A 90 -19.38 -7.95 -5.35
CA ASP A 90 -18.86 -7.00 -4.37
C ASP A 90 -18.77 -7.56 -2.96
N LEU A 91 -17.87 -8.51 -2.75
CA LEU A 91 -17.61 -9.04 -1.42
C LEU A 91 -16.44 -8.30 -0.78
N THR A 92 -16.59 -7.96 0.49
CA THR A 92 -15.43 -7.66 1.31
C THR A 92 -14.51 -8.88 1.39
N ARG A 93 -13.30 -8.66 1.94
CA ARG A 93 -12.28 -9.70 2.04
C ARG A 93 -12.58 -10.73 3.14
N GLU A 94 -13.35 -10.38 4.16
CA GLU A 94 -13.80 -11.43 5.05
C GLU A 94 -14.95 -12.22 4.42
N GLU A 95 -15.75 -11.58 3.58
CA GLU A 95 -16.75 -12.34 2.82
C GLU A 95 -16.09 -13.26 1.82
N ILE A 96 -14.93 -12.86 1.27
CA ILE A 96 -14.21 -13.72 0.33
C ILE A 96 -13.64 -14.95 1.05
N VAL A 97 -13.09 -14.76 2.26
CA VAL A 97 -12.53 -15.90 2.98
C VAL A 97 -13.64 -16.79 3.51
N GLU A 98 -14.78 -16.19 3.89
CA GLU A 98 -15.92 -16.98 4.35
C GLU A 98 -16.48 -17.87 3.25
N LEU A 99 -16.82 -17.28 2.09
CA LEU A 99 -17.32 -18.04 0.94
C LEU A 99 -16.41 -19.22 0.61
N MET A 100 -15.09 -19.01 0.66
CA MET A 100 -14.14 -20.04 0.24
C MET A 100 -14.09 -21.19 1.23
N ARG A 101 -14.08 -20.89 2.53
CA ARG A 101 -14.11 -21.96 3.53
C ARG A 101 -15.40 -22.75 3.45
N ASP A 102 -16.51 -22.10 3.12
CA ASP A 102 -17.78 -22.82 3.02
C ASP A 102 -17.83 -23.71 1.78
N VAL A 103 -17.24 -23.25 0.67
CA VAL A 103 -17.18 -24.11 -0.50
C VAL A 103 -16.21 -25.26 -0.25
N SER A 104 -15.13 -24.99 0.47
CA SER A 104 -14.20 -26.06 0.82
C SER A 104 -14.87 -27.10 1.70
N LYS A 105 -15.88 -26.71 2.48
CA LYS A 105 -16.58 -27.62 3.37
C LYS A 105 -17.70 -28.41 2.71
N GLU A 106 -18.17 -28.00 1.53
CA GLU A 106 -19.15 -28.79 0.79
C GLU A 106 -18.50 -30.09 0.30
N ASP A 107 -19.31 -31.12 0.06
CA ASP A 107 -18.76 -32.36 -0.47
C ASP A 107 -18.90 -32.37 -1.98
N HIS A 108 -17.75 -32.55 -2.65
CA HIS A 108 -17.63 -32.55 -4.09
C HIS A 108 -17.45 -33.95 -4.66
N SER A 109 -17.74 -34.99 -3.85
CA SER A 109 -17.39 -36.37 -4.21
C SER A 109 -18.04 -36.82 -5.52
N LYS A 110 -19.27 -36.36 -5.80
CA LYS A 110 -19.91 -36.64 -7.08
C LYS A 110 -19.47 -35.67 -8.20
N ARG A 111 -18.34 -34.96 -8.02
CA ARG A 111 -17.90 -33.94 -8.97
C ARG A 111 -16.47 -34.19 -9.42
N SER A 112 -16.18 -33.73 -10.65
CA SER A 112 -14.92 -34.04 -11.33
C SER A 112 -13.82 -33.07 -10.93
N SER A 113 -14.14 -31.78 -10.92
CA SER A 113 -13.15 -30.72 -10.79
C SER A 113 -13.72 -29.63 -9.88
N PHE A 114 -12.93 -28.60 -9.64
CA PHE A 114 -13.42 -27.39 -8.97
C PHE A 114 -12.78 -26.19 -9.63
N VAL A 115 -13.60 -25.21 -9.98
CA VAL A 115 -13.14 -23.98 -10.63
C VAL A 115 -13.47 -22.80 -9.73
N CYS A 116 -12.53 -21.87 -9.61
CA CYS A 116 -12.78 -20.62 -8.89
C CYS A 116 -12.26 -19.48 -9.74
N VAL A 117 -13.12 -18.52 -10.04
CA VAL A 117 -12.77 -17.36 -10.86
C VAL A 117 -12.78 -16.12 -9.97
N LEU A 118 -11.63 -15.47 -9.85
CA LEU A 118 -11.50 -14.26 -9.05
C LEU A 118 -11.34 -13.08 -9.99
N LEU A 119 -12.26 -12.13 -9.93
CA LEU A 119 -12.20 -10.93 -10.77
C LEU A 119 -12.11 -9.71 -9.85
N SER A 120 -10.92 -9.16 -9.71
CA SER A 120 -10.71 -8.10 -8.74
C SER A 120 -9.51 -7.25 -9.12
N HIS A 121 -9.25 -6.24 -8.31
CA HIS A 121 -7.91 -5.68 -8.18
C HIS A 121 -7.05 -6.62 -7.35
N GLY A 122 -5.74 -6.54 -7.56
CA GLY A 122 -4.85 -7.28 -6.69
C GLY A 122 -3.46 -6.69 -6.77
N GLU A 123 -2.57 -7.28 -5.98
CA GLU A 123 -1.12 -7.13 -6.09
C GLU A 123 -0.51 -8.52 -6.18
N GLU A 124 0.81 -8.58 -6.31
CA GLU A 124 1.50 -9.86 -6.33
C GLU A 124 1.15 -10.68 -5.09
N GLY A 125 0.63 -11.89 -5.31
CA GLY A 125 0.19 -12.79 -4.25
C GLY A 125 -1.06 -12.35 -3.51
N ILE A 126 -1.82 -11.41 -4.03
CA ILE A 126 -2.87 -10.76 -3.25
C ILE A 126 -4.08 -10.47 -4.13
N ILE A 127 -5.27 -10.71 -3.57
CA ILE A 127 -6.53 -10.34 -4.20
C ILE A 127 -7.26 -9.36 -3.27
N PHE A 128 -7.96 -8.38 -3.86
CA PHE A 128 -8.65 -7.36 -3.07
C PHE A 128 -10.14 -7.68 -2.91
N GLY A 129 -10.57 -7.80 -1.65
CA GLY A 129 -11.97 -7.55 -1.32
C GLY A 129 -12.33 -6.10 -1.58
N THR A 130 -13.63 -5.80 -1.42
CA THR A 130 -14.06 -4.41 -1.59
C THR A 130 -13.41 -3.48 -0.58
N ASN A 131 -12.99 -4.01 0.58
CA ASN A 131 -12.49 -3.21 1.69
C ASN A 131 -10.99 -3.36 1.93
N GLY A 132 -10.26 -4.07 1.05
CA GLY A 132 -8.84 -4.27 1.27
C GLY A 132 -8.32 -5.60 0.78
N PRO A 133 -7.03 -5.85 1.02
CA PRO A 133 -6.35 -7.02 0.42
C PRO A 133 -6.39 -8.27 1.28
N VAL A 134 -6.28 -9.42 0.59
CA VAL A 134 -6.12 -10.72 1.23
C VAL A 134 -5.15 -11.58 0.39
N ASP A 135 -4.32 -12.37 1.07
CA ASP A 135 -3.34 -13.23 0.40
C ASP A 135 -4.03 -14.31 -0.44
N LEU A 136 -3.50 -14.53 -1.64
CA LEU A 136 -4.07 -15.56 -2.50
C LEU A 136 -3.90 -16.93 -1.90
N LYS A 137 -2.81 -17.12 -1.17
CA LYS A 137 -2.51 -18.42 -0.58
C LYS A 137 -3.48 -18.77 0.52
N LYS A 138 -4.08 -17.78 1.16
CA LYS A 138 -5.10 -18.09 2.17
C LYS A 138 -6.37 -18.62 1.51
N ILE A 139 -6.69 -18.14 0.31
CA ILE A 139 -7.87 -18.60 -0.40
C ILE A 139 -7.66 -20.02 -0.94
N THR A 140 -6.46 -20.33 -1.40
CA THR A 140 -6.22 -21.62 -2.02
C THR A 140 -5.76 -22.68 -1.06
N ASN A 141 -5.21 -22.32 0.09
CA ASN A 141 -4.88 -23.37 1.06
C ASN A 141 -6.13 -24.04 1.62
N PHE A 142 -7.32 -23.45 1.42
CA PHE A 142 -8.54 -24.11 1.85
C PHE A 142 -8.89 -25.30 0.98
N PHE A 143 -8.41 -25.32 -0.27
CA PHE A 143 -8.68 -26.43 -1.16
C PHE A 143 -7.50 -27.38 -1.28
N ARG A 144 -6.54 -27.33 -0.34
CA ARG A 144 -5.45 -28.28 -0.40
C ARG A 144 -5.97 -29.69 -0.16
N GLY A 145 -5.20 -30.68 -0.62
CA GLY A 145 -5.67 -32.06 -0.56
C GLY A 145 -5.97 -32.52 0.86
N ASP A 146 -5.11 -32.16 1.82
CA ASP A 146 -5.25 -32.54 3.22
C ASP A 146 -6.32 -31.75 3.95
N ARG A 147 -6.98 -30.82 3.28
CA ARG A 147 -8.00 -29.99 3.88
C ARG A 147 -9.30 -29.98 3.10
N CYS A 148 -9.33 -30.48 1.87
CA CYS A 148 -10.59 -30.63 1.14
C CYS A 148 -10.46 -32.01 0.50
N ARG A 149 -10.95 -33.03 1.22
CA ARG A 149 -10.67 -34.41 0.85
C ARG A 149 -11.57 -34.90 -0.27
N SER A 150 -12.80 -34.38 -0.35
CA SER A 150 -13.63 -34.69 -1.50
C SER A 150 -13.08 -34.09 -2.80
N LEU A 151 -11.98 -33.32 -2.73
CA LEU A 151 -11.30 -32.78 -3.89
C LEU A 151 -9.90 -33.35 -4.10
N THR A 152 -9.37 -34.09 -3.13
CA THR A 152 -8.03 -34.67 -3.27
C THR A 152 -7.95 -35.50 -4.54
N GLY A 153 -6.82 -35.41 -5.23
CA GLY A 153 -6.60 -36.06 -6.52
C GLY A 153 -7.36 -35.49 -7.69
N LYS A 154 -8.13 -34.43 -7.48
CA LYS A 154 -8.86 -33.84 -8.60
C LYS A 154 -8.33 -32.45 -8.93
N PRO A 155 -8.44 -32.04 -10.20
CA PRO A 155 -7.96 -30.70 -10.58
C PRO A 155 -8.75 -29.60 -9.90
N LYS A 156 -8.01 -28.66 -9.31
CA LYS A 156 -8.55 -27.42 -8.75
C LYS A 156 -7.99 -26.25 -9.54
N LEU A 157 -8.86 -25.52 -10.19
CA LEU A 157 -8.52 -24.53 -11.22
C LEU A 157 -8.88 -23.13 -10.72
N PHE A 158 -7.87 -22.30 -10.45
CA PHE A 158 -8.08 -20.92 -10.05
C PHE A 158 -7.75 -20.03 -11.22
N ILE A 159 -8.72 -19.25 -11.64
CA ILE A 159 -8.60 -18.32 -12.73
C ILE A 159 -8.68 -16.93 -12.10
N ILE A 160 -7.64 -16.11 -12.27
CA ILE A 160 -7.42 -14.94 -11.43
C ILE A 160 -7.19 -13.74 -12.36
N GLN A 161 -8.23 -12.95 -12.58
CA GLN A 161 -8.06 -11.67 -13.29
C GLN A 161 -7.85 -10.61 -12.21
N ALA A 162 -6.63 -10.09 -12.13
CA ALA A 162 -6.20 -9.23 -11.04
C ALA A 162 -4.80 -8.77 -11.37
N CYS A 163 -4.51 -7.49 -11.11
CA CYS A 163 -3.14 -7.03 -11.22
C CYS A 163 -2.25 -7.81 -10.24
N ARG A 164 -0.96 -7.99 -10.60
CA ARG A 164 0.04 -8.65 -9.77
C ARG A 164 1.25 -7.74 -9.54
N GLY A 165 1.04 -6.43 -9.59
CA GLY A 165 2.13 -5.47 -9.54
C GLY A 165 1.80 -4.25 -10.38
N THR A 166 2.86 -3.56 -10.85
CA THR A 166 2.71 -2.32 -11.60
C THR A 166 3.71 -2.18 -12.76
N GLU A 167 4.31 -3.25 -13.25
CA GLU A 167 5.11 -3.11 -14.45
C GLU A 167 4.21 -3.01 -15.70
N LEU A 168 4.77 -2.46 -16.78
CA LEU A 168 4.06 -2.32 -18.05
C LEU A 168 4.91 -2.96 -19.13
N ASP A 169 4.24 -3.64 -20.07
CA ASP A 169 4.91 -4.27 -21.20
C ASP A 169 4.82 -3.34 -22.39
N CYS A 170 5.98 -2.91 -22.93
CA CYS A 170 6.05 -2.02 -24.07
CA CYS A 170 6.01 -2.03 -24.08
C CYS A 170 6.11 -2.76 -25.42
N GLY A 171 6.18 -4.10 -25.41
CA GLY A 171 6.18 -4.86 -26.66
C GLY A 171 7.48 -4.78 -27.44
N ILE A 172 7.47 -5.43 -28.61
CA ILE A 172 8.58 -5.44 -29.56
C ILE A 172 7.99 -5.40 -30.97
N GLU A 173 8.86 -5.07 -31.94
CA GLU A 173 8.55 -5.24 -33.36
C GLU A 173 8.74 -6.69 -33.76
N THR A 174 7.87 -7.19 -34.64
CA THR A 174 8.04 -8.55 -35.18
C THR A 174 7.59 -8.64 -36.64
N ASP B 34 34.03 21.64 25.22
CA ASP B 34 32.98 22.18 24.35
C ASP B 34 32.02 21.07 23.89
N ASN B 35 31.00 20.81 24.72
CA ASN B 35 30.08 19.70 24.53
C ASN B 35 28.74 20.11 23.93
N SER B 36 28.62 21.32 23.39
CA SER B 36 27.35 21.78 22.85
CA SER B 36 27.35 21.80 22.85
C SER B 36 27.55 22.35 21.45
N TYR B 37 26.48 22.32 20.66
CA TYR B 37 26.55 22.88 19.30
C TYR B 37 26.69 24.39 19.37
N LYS B 38 27.52 24.93 18.49
CA LYS B 38 27.62 26.38 18.35
C LYS B 38 26.32 26.91 17.77
N MET B 39 25.54 27.65 18.56
CA MET B 39 24.27 28.20 18.10
C MET B 39 24.30 29.73 18.02
N ASP B 40 25.47 30.33 17.87
CA ASP B 40 25.60 31.78 17.76
C ASP B 40 26.17 32.18 16.42
N TYR B 41 25.82 31.42 15.36
CA TYR B 41 25.96 31.86 13.99
C TYR B 41 25.05 33.08 13.82
N PRO B 42 25.17 33.86 12.74
CA PRO B 42 24.27 35.01 12.56
C PRO B 42 22.79 34.64 12.46
N GLU B 43 22.45 33.48 11.90
CA GLU B 43 21.06 33.03 11.81
C GLU B 43 20.93 31.63 12.41
N MET B 44 19.83 31.40 13.13
CA MET B 44 19.60 30.09 13.74
C MET B 44 19.51 28.99 12.69
N GLY B 45 18.88 29.28 11.56
CA GLY B 45 18.69 28.35 10.47
C GLY B 45 17.28 28.38 9.93
N LEU B 46 17.06 27.60 8.87
CA LEU B 46 15.74 27.46 8.29
C LEU B 46 14.90 26.47 9.08
N CYS B 47 13.58 26.65 9.02
CA CYS B 47 12.62 25.66 9.51
C CYS B 47 11.58 25.47 8.40
N ILE B 48 11.64 24.35 7.68
CA ILE B 48 10.70 24.04 6.60
C ILE B 48 9.59 23.17 7.18
N ILE B 49 8.35 23.65 7.10
CA ILE B 49 7.16 22.94 7.56
C ILE B 49 6.36 22.51 6.34
N ILE B 50 6.30 21.20 6.07
CA ILE B 50 5.44 20.68 5.01
C ILE B 50 4.17 20.13 5.64
N ASN B 51 3.03 20.66 5.24
CA ASN B 51 1.73 20.34 5.83
C ASN B 51 0.84 19.80 4.73
N ASN B 52 0.63 18.48 4.70
CA ASN B 52 -0.26 17.87 3.71
C ASN B 52 -1.56 17.52 4.41
N LYS B 53 -2.65 18.16 4.00
CA LYS B 53 -3.97 17.92 4.57
C LYS B 53 -4.88 17.09 3.67
N ASN B 54 -4.83 17.32 2.35
CA ASN B 54 -5.76 16.70 1.42
C ASN B 54 -5.00 15.82 0.42
N PHE B 55 -5.51 14.62 0.22
CA PHE B 55 -4.82 13.57 -0.52
C PHE B 55 -5.69 13.07 -1.67
N HIS B 56 -5.06 12.77 -2.81
CA HIS B 56 -5.78 12.24 -3.95
C HIS B 56 -6.54 10.97 -3.59
N LYS B 57 -7.63 10.73 -4.30
CA LYS B 57 -8.50 9.58 -4.02
C LYS B 57 -7.77 8.25 -4.21
N SER B 58 -6.77 8.20 -5.10
CA SER B 58 -6.06 6.96 -5.35
C SER B 58 -5.30 6.50 -4.12
N THR B 59 -4.91 7.42 -3.22
CA THR B 59 -4.18 7.03 -2.02
C THR B 59 -5.07 6.33 -1.00
N GLY B 60 -6.39 6.52 -1.06
CA GLY B 60 -7.21 6.01 0.02
C GLY B 60 -7.07 6.73 1.34
N MET B 61 -6.24 7.79 1.41
CA MET B 61 -6.00 8.48 2.68
C MET B 61 -7.09 9.50 3.01
N THR B 62 -7.45 9.60 4.29
CA THR B 62 -8.37 10.63 4.76
C THR B 62 -7.69 12.00 4.81
N SER B 63 -8.51 13.05 4.69
CA SER B 63 -8.01 14.41 4.90
C SER B 63 -7.62 14.61 6.36
N ARG B 64 -6.55 15.36 6.58
CA ARG B 64 -5.94 15.38 7.92
C ARG B 64 -6.44 16.62 8.68
N SER B 65 -7.71 16.53 9.15
CA SER B 65 -8.35 17.61 9.90
C SER B 65 -7.62 17.90 11.23
N GLY B 66 -7.33 19.18 11.46
CA GLY B 66 -6.57 19.60 12.59
C GLY B 66 -5.15 19.99 12.24
N THR B 67 -4.65 19.54 11.10
CA THR B 67 -3.26 19.78 10.77
C THR B 67 -2.97 21.26 10.58
N ASP B 68 -3.99 22.05 10.21
CA ASP B 68 -3.78 23.49 10.09
C ASP B 68 -3.45 24.11 11.44
N VAL B 69 -4.08 23.63 12.51
CA VAL B 69 -3.72 24.11 13.84
C VAL B 69 -2.23 23.89 14.08
N ASP B 70 -1.75 22.70 13.72
CA ASP B 70 -0.37 22.30 13.97
C ASP B 70 0.61 23.15 13.19
N ALA B 71 0.36 23.36 11.89
CA ALA B 71 1.30 24.15 11.10
C ALA B 71 1.33 25.58 11.60
N ALA B 72 0.18 26.09 12.06
CA ALA B 72 0.12 27.43 12.66
C ALA B 72 0.90 27.47 13.96
N ASN B 73 0.66 26.49 14.84
CA ASN B 73 1.34 26.42 16.12
C ASN B 73 2.86 26.30 15.96
N LEU B 74 3.31 25.47 15.01
CA LEU B 74 4.74 25.31 14.81
C LEU B 74 5.39 26.59 14.29
N ARG B 75 4.70 27.26 13.38
CA ARG B 75 5.26 28.46 12.76
C ARG B 75 5.56 29.51 13.82
N GLU B 76 4.61 29.75 14.72
CA GLU B 76 4.79 30.69 15.81
C GLU B 76 5.94 30.28 16.74
N THR B 77 5.96 29.01 17.16
CA THR B 77 6.97 28.53 18.11
C THR B 77 8.37 28.76 17.56
N PHE B 78 8.60 28.43 16.29
CA PHE B 78 9.96 28.47 15.76
C PHE B 78 10.37 29.88 15.34
N ARG B 79 9.40 30.73 14.98
CA ARG B 79 9.67 32.15 14.84
C ARG B 79 10.22 32.73 16.14
N ASN B 80 9.56 32.42 17.27
CA ASN B 80 10.09 32.85 18.57
C ASN B 80 11.55 32.42 18.76
N LEU B 81 11.90 31.20 18.36
CA LEU B 81 13.27 30.71 18.47
C LEU B 81 14.20 31.24 17.37
N LYS B 82 13.73 32.22 16.58
CA LYS B 82 14.53 32.93 15.57
C LYS B 82 14.91 32.03 14.39
N TYR B 83 14.07 31.07 14.05
CA TYR B 83 14.20 30.34 12.80
C TYR B 83 13.42 31.07 11.69
N GLU B 84 14.01 31.16 10.50
CA GLU B 84 13.26 31.56 9.32
C GLU B 84 12.34 30.41 8.90
N VAL B 85 11.03 30.58 9.09
CA VAL B 85 10.06 29.51 8.90
C VAL B 85 9.43 29.64 7.51
N ARG B 86 9.62 28.63 6.66
CA ARG B 86 8.89 28.51 5.40
C ARG B 86 7.83 27.43 5.52
N ASN B 87 6.56 27.81 5.33
CA ASN B 87 5.44 26.87 5.31
C ASN B 87 5.13 26.48 3.88
N LYS B 88 5.02 25.16 3.62
CA LYS B 88 4.56 24.64 2.33
C LYS B 88 3.35 23.75 2.56
N ASN B 89 2.34 23.85 1.69
CA ASN B 89 1.10 23.11 1.86
C ASN B 89 0.80 22.21 0.66
N ASP B 90 0.21 21.05 0.94
CA ASP B 90 -0.25 20.05 -0.04
C ASP B 90 0.76 19.84 -1.18
N LEU B 91 1.89 19.24 -0.87
CA LEU B 91 2.91 18.95 -1.87
C LEU B 91 2.73 17.52 -2.36
N THR B 92 2.94 17.32 -3.65
CA THR B 92 3.08 15.97 -4.15
C THR B 92 4.44 15.43 -3.74
N ARG B 93 4.60 14.12 -3.90
CA ARG B 93 5.84 13.49 -3.48
C ARG B 93 7.02 14.00 -4.32
N GLU B 94 6.77 14.32 -5.59
CA GLU B 94 7.81 14.92 -6.42
C GLU B 94 8.14 16.34 -5.97
N GLU B 95 7.14 17.11 -5.52
CA GLU B 95 7.44 18.44 -5.03
C GLU B 95 8.18 18.39 -3.69
N ILE B 96 7.96 17.35 -2.90
CA ILE B 96 8.70 17.24 -1.65
C ILE B 96 10.17 16.95 -1.95
N VAL B 97 10.42 16.00 -2.85
CA VAL B 97 11.79 15.63 -3.19
C VAL B 97 12.55 16.85 -3.70
N GLU B 98 11.96 17.59 -4.65
CA GLU B 98 12.67 18.69 -5.27
C GLU B 98 12.76 19.90 -4.35
N LEU B 99 11.77 20.13 -3.48
CA LEU B 99 11.91 21.17 -2.46
C LEU B 99 13.11 20.91 -1.55
N MET B 100 13.14 19.72 -0.94
CA MET B 100 14.26 19.35 -0.09
C MET B 100 15.57 19.29 -0.85
N ARG B 101 15.53 18.95 -2.14
CA ARG B 101 16.74 19.04 -2.97
C ARG B 101 17.22 20.48 -3.08
N ASP B 102 16.31 21.41 -3.36
CA ASP B 102 16.66 22.83 -3.46
C ASP B 102 17.16 23.36 -2.11
N VAL B 103 16.52 22.94 -1.02
CA VAL B 103 16.90 23.47 0.28
C VAL B 103 18.29 22.97 0.67
N SER B 104 18.61 21.71 0.37
CA SER B 104 19.96 21.24 0.66
C SER B 104 21.03 22.00 -0.13
N LYS B 105 20.68 22.48 -1.33
CA LYS B 105 21.68 23.12 -2.19
C LYS B 105 21.98 24.57 -1.80
N GLU B 106 21.15 25.20 -0.96
CA GLU B 106 21.44 26.53 -0.47
C GLU B 106 22.76 26.57 0.28
N ASP B 107 23.17 27.79 0.61
CA ASP B 107 24.34 28.04 1.43
C ASP B 107 23.88 28.26 2.87
N HIS B 108 24.14 27.27 3.73
CA HIS B 108 23.80 27.36 5.16
C HIS B 108 25.00 27.79 6.00
N SER B 109 26.03 28.39 5.39
CA SER B 109 27.24 28.73 6.12
CA SER B 109 27.24 28.73 6.12
C SER B 109 26.94 29.65 7.30
N LYS B 110 26.08 30.64 7.09
CA LYS B 110 25.74 31.60 8.15
C LYS B 110 24.68 31.09 9.09
N ARG B 111 24.32 29.81 9.03
CA ARG B 111 23.24 29.27 9.85
C ARG B 111 23.77 28.25 10.84
N SER B 112 23.12 28.19 12.01
CA SER B 112 23.52 27.30 13.09
C SER B 112 22.99 25.88 12.94
N SER B 113 21.88 25.69 12.23
CA SER B 113 21.13 24.44 12.30
C SER B 113 20.11 24.39 11.16
N PHE B 114 19.36 23.30 11.11
CA PHE B 114 18.32 23.12 10.11
C PHE B 114 17.19 22.33 10.75
N VAL B 115 15.96 22.74 10.48
CA VAL B 115 14.76 22.09 11.01
C VAL B 115 13.80 21.80 9.86
N CYS B 116 13.36 20.55 9.76
CA CYS B 116 12.30 20.17 8.84
C CYS B 116 11.19 19.50 9.64
N VAL B 117 9.95 19.89 9.39
CA VAL B 117 8.78 19.32 10.04
C VAL B 117 7.90 18.71 8.96
N LEU B 118 7.55 17.43 9.11
CA LEU B 118 6.67 16.75 8.15
C LEU B 118 5.38 16.40 8.85
N LEU B 119 4.26 16.85 8.31
CA LEU B 119 2.94 16.50 8.81
C LEU B 119 2.16 15.88 7.65
N SER B 120 1.87 14.58 7.74
CA SER B 120 1.24 13.87 6.63
C SER B 120 0.83 12.52 7.14
N HIS B 121 0.24 11.71 6.26
CA HIS B 121 0.06 10.32 6.61
C HIS B 121 1.38 9.60 6.44
N GLY B 122 1.47 8.39 7.02
CA GLY B 122 2.68 7.62 6.87
C GLY B 122 2.48 6.15 7.15
N GLU B 123 3.55 5.40 6.88
CA GLU B 123 3.76 4.04 7.35
C GLU B 123 5.21 3.99 7.80
N GLU B 124 5.71 2.80 8.15
CA GLU B 124 7.09 2.69 8.65
C GLU B 124 8.07 3.08 7.55
N GLY B 125 8.93 4.06 7.88
CA GLY B 125 9.91 4.65 6.99
C GLY B 125 9.34 5.45 5.82
N ILE B 126 8.06 5.82 5.86
CA ILE B 126 7.35 6.35 4.69
C ILE B 126 6.52 7.58 5.08
N ILE B 127 6.57 8.62 4.25
CA ILE B 127 5.70 9.78 4.41
C ILE B 127 5.00 10.03 3.07
N PHE B 128 3.76 10.50 3.15
CA PHE B 128 2.90 10.63 1.98
C PHE B 128 2.95 12.06 1.42
N GLY B 129 3.31 12.18 0.16
CA GLY B 129 2.85 13.31 -0.61
C GLY B 129 1.36 13.20 -0.84
N THR B 130 0.78 14.25 -1.44
CA THR B 130 -0.65 14.23 -1.75
C THR B 130 -1.00 13.07 -2.67
N ASN B 131 -0.06 12.64 -3.53
CA ASN B 131 -0.32 11.63 -4.54
C ASN B 131 0.37 10.29 -4.27
N GLY B 132 0.87 10.06 -3.05
CA GLY B 132 1.47 8.78 -2.71
C GLY B 132 2.71 8.83 -1.84
N PRO B 133 3.29 7.64 -1.57
CA PRO B 133 4.36 7.54 -0.57
C PRO B 133 5.74 7.96 -1.08
N VAL B 134 6.51 8.54 -0.15
CA VAL B 134 7.94 8.83 -0.33
C VAL B 134 8.68 8.12 0.79
N ASP B 135 9.80 7.47 0.46
CA ASP B 135 10.74 7.01 1.49
C ASP B 135 11.30 8.19 2.29
N LEU B 136 11.13 8.15 3.62
CA LEU B 136 11.71 9.21 4.46
C LEU B 136 13.21 9.37 4.25
N LYS B 137 13.92 8.30 3.88
CA LYS B 137 15.36 8.43 3.68
C LYS B 137 15.73 9.05 2.33
N LYS B 138 14.81 9.11 1.37
CA LYS B 138 15.05 9.93 0.19
C LYS B 138 15.17 11.40 0.58
N ILE B 139 14.30 11.86 1.49
CA ILE B 139 14.33 13.23 1.99
C ILE B 139 15.61 13.50 2.77
N THR B 140 15.89 12.68 3.77
CA THR B 140 16.97 13.01 4.68
C THR B 140 18.35 12.81 4.04
N ASN B 141 18.45 12.07 2.95
CA ASN B 141 19.76 11.86 2.34
C ASN B 141 20.32 13.12 1.72
N PHE B 142 19.47 14.08 1.34
CA PHE B 142 19.98 15.33 0.78
C PHE B 142 20.88 16.03 1.78
N PHE B 143 20.65 15.83 3.08
CA PHE B 143 21.30 16.60 4.11
C PHE B 143 22.49 15.89 4.74
N ARG B 144 22.84 14.71 4.27
CA ARG B 144 24.04 14.02 4.76
C ARG B 144 25.25 14.94 4.74
N GLY B 145 26.16 14.75 5.71
CA GLY B 145 27.34 15.58 5.86
C GLY B 145 28.26 15.64 4.65
N ASP B 146 28.10 14.74 3.68
CA ASP B 146 28.89 14.80 2.47
C ASP B 146 28.08 15.25 1.26
N ARG B 147 26.78 15.50 1.41
CA ARG B 147 25.95 16.01 0.32
C ARG B 147 25.45 17.42 0.54
N CYS B 148 25.50 17.93 1.78
CA CYS B 148 25.13 19.30 2.09
C CYS B 148 26.25 19.80 2.98
N ARG B 149 27.35 20.23 2.35
CA ARG B 149 28.57 20.51 3.09
C ARG B 149 28.46 21.77 3.96
N SER B 150 27.56 22.71 3.66
CA SER B 150 27.42 23.85 4.56
C SER B 150 26.69 23.50 5.86
N LEU B 151 26.20 22.27 6.01
CA LEU B 151 25.55 21.83 7.23
C LEU B 151 26.35 20.77 7.97
N THR B 152 27.46 20.29 7.41
CA THR B 152 28.31 19.34 8.11
C THR B 152 28.67 19.86 9.49
N GLY B 153 28.62 18.97 10.49
CA GLY B 153 28.87 19.39 11.86
C GLY B 153 27.75 20.20 12.52
N LYS B 154 26.62 20.37 11.86
CA LYS B 154 25.54 21.16 12.45
C LYS B 154 24.29 20.31 12.65
N PRO B 155 23.44 20.64 13.63
CA PRO B 155 22.28 19.78 13.90
C PRO B 155 21.23 19.90 12.80
N LYS B 156 20.75 18.74 12.31
CA LYS B 156 19.65 18.65 11.36
C LYS B 156 18.49 17.91 12.07
N LEU B 157 17.45 18.65 12.44
CA LEU B 157 16.30 18.09 13.16
C LEU B 157 15.18 17.83 12.17
N PHE B 158 14.64 16.61 12.20
CA PHE B 158 13.42 16.26 11.49
C PHE B 158 12.35 15.87 12.52
N ILE B 159 11.25 16.57 12.50
CA ILE B 159 10.09 16.28 13.34
C ILE B 159 9.01 15.69 12.44
N ILE B 160 8.55 14.49 12.76
CA ILE B 160 7.72 13.71 11.85
C ILE B 160 6.43 13.38 12.58
N GLN B 161 5.36 14.06 12.22
CA GLN B 161 4.01 13.70 12.67
C GLN B 161 3.41 12.88 11.54
N ALA B 162 3.25 11.57 11.78
CA ALA B 162 2.82 10.63 10.74
C ALA B 162 2.75 9.25 11.36
N CYS B 163 1.85 8.39 10.86
CA CYS B 163 1.81 7.01 11.31
C CYS B 163 3.05 6.24 10.84
N ARG B 164 3.36 5.16 11.58
CA ARG B 164 4.52 4.30 11.33
C ARG B 164 4.11 2.83 11.22
N GLY B 165 2.87 2.57 10.88
CA GLY B 165 2.29 1.25 10.93
C GLY B 165 0.83 1.36 11.35
N THR B 166 0.30 0.22 11.83
CA THR B 166 -1.12 0.13 12.17
C THR B 166 -1.40 -0.46 13.54
N GLU B 167 -0.37 -0.75 14.34
CA GLU B 167 -0.62 -1.17 15.70
C GLU B 167 -1.24 -0.05 16.54
N LEU B 168 -2.08 -0.46 17.48
CA LEU B 168 -2.66 0.40 18.50
C LEU B 168 -2.07 0.03 19.86
N ASP B 169 -1.78 1.04 20.68
CA ASP B 169 -1.25 0.81 22.01
C ASP B 169 -2.41 0.82 22.98
N CYS B 170 -2.70 -0.33 23.59
CA CYS B 170 -3.85 -0.39 24.50
CA CYS B 170 -3.83 -0.44 24.51
C CYS B 170 -3.56 0.21 25.86
N GLY B 171 -2.28 0.35 26.21
CA GLY B 171 -1.92 0.89 27.50
C GLY B 171 -2.16 -0.07 28.65
N ILE B 172 -1.80 0.39 29.84
CA ILE B 172 -2.00 -0.36 31.07
C ILE B 172 -2.08 0.65 32.21
N GLU B 173 -2.88 0.33 33.21
CA GLU B 173 -3.12 1.25 34.35
C GLU B 173 -1.95 1.31 35.34
N ILE C 12 0.99 -38.40 -2.36
CA ILE C 12 0.64 -37.21 -3.15
C ILE C 12 0.80 -35.93 -2.31
N PRO C 13 1.55 -34.95 -2.83
CA PRO C 13 1.76 -33.70 -2.08
C PRO C 13 0.49 -32.88 -1.97
N VAL C 14 0.40 -32.11 -0.87
CA VAL C 14 -0.83 -31.35 -0.67
C VAL C 14 -0.97 -30.27 -1.72
N GLU C 15 0.14 -29.88 -2.35
CA GLU C 15 0.12 -28.84 -3.38
C GLU C 15 -0.15 -29.39 -4.78
N ALA C 16 -0.37 -30.70 -4.92
CA ALA C 16 -0.56 -31.30 -6.22
C ALA C 16 -1.96 -31.02 -6.73
N ASP C 17 -2.09 -30.97 -8.06
CA ASP C 17 -3.37 -30.90 -8.74
C ASP C 17 -4.04 -29.54 -8.62
N PHE C 18 -3.18 -28.52 -8.48
CA PHE C 18 -3.59 -27.10 -8.46
C PHE C 18 -3.16 -26.50 -9.81
N LEU C 19 -4.07 -25.76 -10.45
CA LEU C 19 -3.74 -25.06 -11.71
C LEU C 19 -4.15 -23.60 -11.54
N TYR C 20 -3.17 -22.69 -11.58
CA TYR C 20 -3.47 -21.24 -11.43
C TYR C 20 -3.29 -20.54 -12.78
N ALA C 21 -4.41 -20.14 -13.39
CA ALA C 21 -4.36 -19.41 -14.65
C ALA C 21 -4.47 -17.94 -14.30
N TYR C 22 -3.30 -17.28 -14.23
CA TYR C 22 -3.24 -15.86 -13.98
C TYR C 22 -3.45 -15.07 -15.25
N SER C 23 -4.20 -13.98 -15.14
CA SER C 23 -4.40 -13.09 -16.28
C SER C 23 -3.12 -12.43 -16.77
N THR C 24 -2.10 -12.27 -15.92
CA THR C 24 -0.93 -11.51 -16.35
C THR C 24 0.33 -12.05 -15.71
N ALA C 25 1.47 -11.62 -16.26
CA ALA C 25 2.77 -12.03 -15.74
C ALA C 25 3.00 -11.49 -14.32
N PRO C 26 3.90 -12.12 -13.55
CA PRO C 26 4.17 -11.65 -12.19
C PRO C 26 4.78 -10.26 -12.21
N GLY C 27 4.25 -9.36 -11.40
CA GLY C 27 4.74 -8.02 -11.31
C GLY C 27 4.02 -7.01 -12.19
N TYR C 28 3.15 -7.44 -13.08
CA TYR C 28 2.60 -6.57 -14.11
C TYR C 28 1.14 -6.24 -13.82
N TYR C 29 0.70 -5.08 -14.31
CA TYR C 29 -0.73 -4.79 -14.32
C TYR C 29 -1.45 -5.80 -15.21
N SER C 30 -2.74 -5.93 -14.98
CA SER C 30 -3.61 -6.64 -15.88
C SER C 30 -4.50 -5.61 -16.58
N TRP C 31 -4.74 -5.78 -17.87
CA TRP C 31 -5.51 -4.79 -18.64
C TRP C 31 -6.96 -5.23 -18.84
N ARG C 32 -7.85 -4.26 -18.89
CA ARG C 32 -9.28 -4.52 -19.00
C ARG C 32 -9.93 -3.46 -19.88
N ASN C 33 -10.84 -3.88 -20.74
CA ASN C 33 -11.58 -2.98 -21.62
C ASN C 33 -12.95 -2.67 -21.02
N SER C 34 -13.32 -1.39 -21.00
CA SER C 34 -14.53 -0.92 -20.32
C SER C 34 -15.81 -1.46 -20.93
N LYS C 35 -15.82 -1.83 -22.21
CA LYS C 35 -17.01 -2.33 -22.87
C LYS C 35 -17.05 -3.84 -22.98
N ASP C 36 -15.92 -4.46 -23.33
CA ASP C 36 -15.85 -5.88 -23.65
C ASP C 36 -15.35 -6.75 -22.51
N GLY C 37 -14.78 -6.17 -21.45
CA GLY C 37 -14.25 -6.93 -20.33
C GLY C 37 -12.74 -7.02 -20.36
N SER C 38 -12.20 -7.85 -19.47
CA SER C 38 -10.76 -7.98 -19.40
C SER C 38 -10.22 -8.78 -20.59
N TRP C 39 -9.07 -8.33 -21.11
CA TRP C 39 -8.46 -8.97 -22.27
C TRP C 39 -8.34 -10.47 -22.09
N PHE C 40 -8.06 -10.91 -20.86
CA PHE C 40 -7.83 -12.34 -20.60
C PHE C 40 -9.14 -13.11 -20.48
N ILE C 41 -10.18 -12.51 -19.89
CA ILE C 41 -11.44 -13.23 -19.74
C ILE C 41 -12.19 -13.31 -21.06
N GLN C 42 -12.25 -12.21 -21.80
CA GLN C 42 -12.65 -12.24 -23.21
C GLN C 42 -11.98 -13.38 -23.97
N SER C 43 -10.67 -13.56 -23.78
CA SER C 43 -9.97 -14.56 -24.59
C SER C 43 -10.17 -15.97 -24.06
N LEU C 44 -10.26 -16.12 -22.72
CA LEU C 44 -10.46 -17.44 -22.14
C LEU C 44 -11.81 -18.06 -22.53
N CYS C 45 -12.87 -17.25 -22.62
CA CYS C 45 -14.17 -17.82 -22.96
C CYS C 45 -14.26 -18.14 -24.45
N ALA C 46 -13.81 -17.22 -25.29
CA ALA C 46 -13.76 -17.43 -26.73
C ALA C 46 -12.95 -18.68 -27.11
N MET C 47 -11.87 -18.99 -26.38
CA MET C 47 -11.12 -20.20 -26.69
C MET C 47 -11.77 -21.45 -26.08
N LEU C 48 -12.32 -21.34 -24.87
CA LEU C 48 -13.08 -22.46 -24.32
C LEU C 48 -14.25 -22.82 -25.21
N LYS C 49 -14.95 -21.81 -25.75
CA LYS C 49 -16.07 -22.08 -26.65
C LYS C 49 -15.61 -22.92 -27.84
N GLN C 50 -14.60 -22.44 -28.56
CA GLN C 50 -14.18 -23.09 -29.80
C GLN C 50 -13.39 -24.38 -29.57
N TYR C 51 -12.87 -24.64 -28.38
CA TYR C 51 -11.89 -25.71 -28.24
C TYR C 51 -12.10 -26.69 -27.10
N ALA C 52 -13.05 -26.46 -26.20
CA ALA C 52 -13.16 -27.32 -25.02
C ALA C 52 -13.52 -28.76 -25.36
N ASP C 53 -14.10 -29.03 -26.54
CA ASP C 53 -14.43 -30.38 -26.94
C ASP C 53 -13.29 -31.08 -27.67
N LYS C 54 -12.27 -30.35 -28.10
CA LYS C 54 -11.13 -30.91 -28.81
C LYS C 54 -9.87 -31.03 -27.94
N LEU C 55 -9.41 -29.93 -27.37
CA LEU C 55 -8.06 -29.82 -26.82
C LEU C 55 -7.98 -30.10 -25.32
N GLU C 56 -6.78 -30.47 -24.90
CA GLU C 56 -6.45 -30.56 -23.50
C GLU C 56 -6.31 -29.15 -22.92
N PHE C 57 -6.60 -29.02 -21.63
CA PHE C 57 -6.70 -27.70 -20.99
C PHE C 57 -5.44 -26.86 -21.20
N MET C 58 -4.26 -27.44 -20.97
CA MET C 58 -3.01 -26.70 -21.16
C MET C 58 -2.92 -26.12 -22.56
N HIS C 59 -3.27 -26.90 -23.58
CA HIS C 59 -3.24 -26.37 -24.93
C HIS C 59 -4.29 -25.29 -25.14
N ILE C 60 -5.42 -25.36 -24.46
CA ILE C 60 -6.40 -24.28 -24.56
C ILE C 60 -5.83 -23.00 -23.98
N LEU C 61 -5.31 -23.08 -22.75
CA LEU C 61 -4.70 -21.91 -22.11
C LEU C 61 -3.54 -21.37 -22.94
N THR C 62 -2.84 -22.23 -23.68
CA THR C 62 -1.78 -21.74 -24.55
C THR C 62 -2.33 -20.91 -25.70
N ARG C 63 -3.56 -21.19 -26.15
CA ARG C 63 -4.19 -20.41 -27.21
C ARG C 63 -4.66 -19.07 -26.67
N VAL C 64 -5.17 -19.06 -25.44
CA VAL C 64 -5.43 -17.82 -24.72
C VAL C 64 -4.16 -16.96 -24.66
N ASN C 65 -3.05 -17.53 -24.17
CA ASN C 65 -1.78 -16.80 -24.16
C ASN C 65 -1.51 -16.16 -25.52
N ARG C 66 -1.62 -16.94 -26.60
CA ARG C 66 -1.35 -16.38 -27.92
CA ARG C 66 -1.35 -16.38 -27.92
C ARG C 66 -2.33 -15.28 -28.27
N LYS C 67 -3.61 -15.47 -27.92
CA LYS C 67 -4.64 -14.49 -28.27
C LYS C 67 -4.36 -13.13 -27.63
N VAL C 68 -4.08 -13.11 -26.32
CA VAL C 68 -3.84 -11.85 -25.63
C VAL C 68 -2.55 -11.20 -26.15
N ALA C 69 -1.49 -11.97 -26.25
CA ALA C 69 -0.22 -11.42 -26.74
C ALA C 69 -0.34 -10.80 -28.13
N THR C 70 -1.20 -11.34 -28.99
CA THR C 70 -1.24 -10.89 -30.39
C THR C 70 -2.31 -9.84 -30.66
N GLU C 71 -3.54 -10.04 -30.18
CA GLU C 71 -4.67 -9.25 -30.63
C GLU C 71 -4.88 -7.95 -29.85
N PHE C 72 -4.18 -7.74 -28.74
CA PHE C 72 -4.49 -6.62 -27.85
C PHE C 72 -3.29 -5.71 -27.70
N GLU C 73 -3.58 -4.41 -27.72
CA GLU C 73 -2.66 -3.34 -27.37
C GLU C 73 -3.46 -2.26 -26.69
N SER C 74 -2.87 -1.62 -25.68
CA SER C 74 -3.60 -0.63 -24.89
C SER C 74 -3.78 0.66 -25.68
N PHE C 75 -4.97 1.23 -25.57
CA PHE C 75 -5.23 2.59 -26.01
C PHE C 75 -5.53 3.45 -24.79
N SER C 76 -4.73 4.51 -24.62
CA SER C 76 -4.74 5.32 -23.42
C SER C 76 -4.54 6.78 -23.79
N PHE C 77 -5.32 7.67 -23.16
CA PHE C 77 -5.02 9.09 -23.23
C PHE C 77 -3.74 9.46 -22.50
N ASP C 78 -3.20 8.55 -21.69
CA ASP C 78 -1.99 8.77 -20.92
C ASP C 78 -0.76 8.27 -21.68
N ALA C 79 0.22 9.15 -21.86
CA ALA C 79 1.46 8.82 -22.54
C ALA C 79 2.07 7.51 -22.01
N THR C 80 2.23 7.40 -20.69
CA THR C 80 2.91 6.24 -20.11
C THR C 80 2.09 4.95 -20.18
N PHE C 81 0.79 5.02 -20.47
CA PHE C 81 -0.05 3.83 -20.53
C PHE C 81 -0.42 3.39 -21.94
N HIS C 82 0.10 4.06 -22.98
CA HIS C 82 -0.36 3.81 -24.34
C HIS C 82 0.53 2.80 -25.05
N ALA C 83 -0.09 2.02 -25.94
CA ALA C 83 0.63 1.03 -26.77
C ALA C 83 1.26 -0.08 -25.91
N LYS C 84 0.53 -0.55 -24.90
CA LYS C 84 1.06 -1.54 -23.95
C LYS C 84 0.42 -2.91 -24.17
N LYS C 85 1.21 -3.96 -23.90
CA LYS C 85 0.88 -5.34 -24.23
C LYS C 85 0.78 -6.20 -22.97
N GLN C 86 0.32 -7.45 -23.14
CA GLN C 86 0.08 -8.34 -22.02
C GLN C 86 0.27 -9.80 -22.43
N ILE C 87 0.71 -10.61 -21.47
CA ILE C 87 0.76 -12.06 -21.63
C ILE C 87 0.29 -12.71 -20.33
N PRO C 88 -0.75 -13.58 -20.36
CA PRO C 88 -1.14 -14.32 -19.15
C PRO C 88 -0.04 -15.27 -18.71
N CYS C 89 -0.27 -15.96 -17.60
CA CYS C 89 0.77 -16.78 -16.99
C CYS C 89 0.14 -18.04 -16.44
N ILE C 90 0.42 -19.19 -17.06
CA ILE C 90 -0.10 -20.48 -16.62
C ILE C 90 0.84 -21.08 -15.59
N VAL C 91 0.33 -21.36 -14.40
CA VAL C 91 1.10 -22.02 -13.37
C VAL C 91 0.46 -23.36 -13.09
N SER C 92 1.14 -24.43 -13.47
CA SER C 92 0.58 -25.77 -13.37
C SER C 92 1.32 -26.63 -12.37
N MET C 93 0.61 -27.08 -11.36
CA MET C 93 0.99 -28.21 -10.54
C MET C 93 0.15 -29.45 -10.86
N LEU C 94 -0.44 -29.51 -12.05
CA LEU C 94 -1.27 -30.65 -12.44
C LEU C 94 -0.40 -31.86 -12.69
N THR C 95 -0.92 -33.05 -12.39
CA THR C 95 -0.15 -34.25 -12.62
C THR C 95 -0.71 -35.10 -13.75
N LYS C 96 -1.77 -34.67 -14.41
CA LYS C 96 -2.35 -35.41 -15.53
C LYS C 96 -2.92 -34.39 -16.49
N GLU C 97 -3.31 -34.87 -17.66
CA GLU C 97 -3.93 -34.02 -18.65
C GLU C 97 -5.42 -33.84 -18.34
N LEU C 98 -5.96 -32.69 -18.70
CA LEU C 98 -7.29 -32.29 -18.27
C LEU C 98 -8.18 -32.06 -19.48
N TYR C 99 -9.20 -32.90 -19.65
CA TYR C 99 -10.13 -32.82 -20.77
C TYR C 99 -11.54 -32.57 -20.24
N PHE C 100 -12.33 -31.79 -20.97
CA PHE C 100 -13.66 -31.44 -20.50
C PHE C 100 -14.77 -32.31 -21.09
N TYR C 101 -14.43 -33.43 -21.74
CA TYR C 101 -15.46 -34.32 -22.29
C TYR C 101 -15.28 -35.77 -21.83
N HIS D 10 40.82 13.85 10.31
CA HIS D 10 39.67 13.52 11.16
C HIS D 10 38.37 13.78 10.44
N LYS D 11 37.70 12.71 10.03
CA LYS D 11 36.36 12.83 9.45
C LYS D 11 35.29 12.52 10.49
N ILE D 12 34.04 12.77 10.10
CA ILE D 12 32.89 12.38 10.89
C ILE D 12 31.99 11.54 10.00
N PRO D 13 31.09 10.74 10.60
CA PRO D 13 30.13 9.99 9.78
C PRO D 13 29.23 10.94 9.02
N VAL D 14 28.75 10.50 7.85
CA VAL D 14 27.85 11.33 7.07
C VAL D 14 26.46 11.37 7.67
N GLU D 15 26.08 10.36 8.44
CA GLU D 15 24.79 10.38 9.09
C GLU D 15 24.84 11.01 10.48
N ALA D 16 25.99 11.54 10.90
CA ALA D 16 26.05 12.21 12.20
C ALA D 16 25.27 13.53 12.17
N ASP D 17 24.88 13.98 13.37
CA ASP D 17 24.24 15.28 13.65
C ASP D 17 22.81 15.38 13.10
N PHE D 18 22.14 14.24 13.07
CA PHE D 18 20.72 14.14 12.67
C PHE D 18 19.91 13.80 13.93
N LEU D 19 18.70 14.35 14.05
CA LEU D 19 17.80 14.06 15.20
C LEU D 19 16.39 13.89 14.64
N TYR D 20 15.82 12.70 14.79
CA TYR D 20 14.45 12.41 14.27
C TYR D 20 13.47 12.28 15.44
N ALA D 21 12.56 13.25 15.56
CA ALA D 21 11.54 13.24 16.58
C ALA D 21 10.29 12.64 15.96
N TYR D 22 10.09 11.35 16.15
CA TYR D 22 8.92 10.67 15.64
C TYR D 22 7.79 10.84 16.64
N SER D 23 6.57 10.97 16.13
CA SER D 23 5.42 11.18 17.02
C SER D 23 5.02 9.92 17.74
N THR D 24 5.50 8.77 17.28
CA THR D 24 5.00 7.50 17.77
C THR D 24 6.09 6.45 17.59
N ALA D 25 5.92 5.34 18.29
CA ALA D 25 6.85 4.21 18.25
C ALA D 25 6.83 3.48 16.90
N PRO D 26 7.87 2.69 16.61
CA PRO D 26 7.90 1.93 15.34
C PRO D 26 6.77 0.92 15.26
N GLY D 27 6.03 0.96 14.16
CA GLY D 27 4.93 0.05 13.94
C GLY D 27 3.56 0.56 14.34
N TYR D 28 3.45 1.76 14.91
CA TYR D 28 2.21 2.21 15.53
C TYR D 28 1.54 3.36 14.76
N TYR D 29 0.22 3.41 14.89
CA TYR D 29 -0.55 4.59 14.56
C TYR D 29 -0.08 5.80 15.36
N SER D 30 -0.25 6.99 14.79
CA SER D 30 -0.05 8.23 15.52
C SER D 30 -1.37 9.02 15.50
N TRP D 31 -1.65 9.76 16.58
CA TRP D 31 -3.00 10.28 16.80
C TRP D 31 -3.07 11.79 16.61
N ARG D 32 -4.21 12.25 16.10
CA ARG D 32 -4.42 13.65 15.74
C ARG D 32 -5.85 14.01 16.12
N ASN D 33 -6.04 15.12 16.81
CA ASN D 33 -7.38 15.58 17.15
C ASN D 33 -7.82 16.60 16.10
N SER D 34 -9.00 16.39 15.53
CA SER D 34 -9.46 17.24 14.44
C SER D 34 -9.68 18.70 14.85
N LYS D 35 -9.70 19.02 16.15
CA LYS D 35 -9.83 20.39 16.61
C LYS D 35 -8.55 20.97 17.19
N ASP D 36 -7.83 20.20 18.02
CA ASP D 36 -6.62 20.67 18.68
C ASP D 36 -5.35 20.47 17.85
N GLY D 37 -5.35 19.53 16.91
CA GLY D 37 -4.15 19.11 16.23
C GLY D 37 -3.63 17.79 16.79
N SER D 38 -2.48 17.36 16.24
CA SER D 38 -1.90 16.09 16.66
C SER D 38 -1.42 16.17 18.11
N TRP D 39 -1.58 15.07 18.84
CA TRP D 39 -1.12 15.07 20.22
C TRP D 39 0.34 15.49 20.33
N PHE D 40 1.18 15.01 19.42
CA PHE D 40 2.62 15.18 19.53
C PHE D 40 3.02 16.62 19.22
N ILE D 41 2.48 17.18 18.15
CA ILE D 41 2.79 18.58 17.82
C ILE D 41 2.24 19.51 18.90
N GLN D 42 1.04 19.22 19.44
CA GLN D 42 0.53 20.00 20.58
C GLN D 42 1.56 20.03 21.69
N SER D 43 2.02 18.86 22.11
CA SER D 43 2.92 18.81 23.25
C SER D 43 4.27 19.41 22.91
N LEU D 44 4.80 19.09 21.73
CA LEU D 44 6.10 19.65 21.36
C LEU D 44 6.10 21.17 21.46
N CYS D 45 5.09 21.81 20.88
CA CYS D 45 5.03 23.27 20.88
C CYS D 45 4.93 23.82 22.29
N ALA D 46 4.06 23.21 23.11
CA ALA D 46 3.91 23.62 24.50
C ALA D 46 5.23 23.56 25.24
N MET D 47 5.99 22.47 25.06
CA MET D 47 7.21 22.30 25.84
C MET D 47 8.31 23.21 25.32
N LEU D 48 8.36 23.44 24.02
CA LEU D 48 9.34 24.38 23.51
C LEU D 48 9.08 25.77 24.06
N LYS D 49 7.81 26.20 24.10
CA LYS D 49 7.51 27.53 24.61
C LYS D 49 7.86 27.62 26.09
N GLN D 50 7.64 26.56 26.84
CA GLN D 50 7.92 26.62 28.28
C GLN D 50 9.39 26.44 28.63
N TYR D 51 10.16 25.65 27.86
CA TYR D 51 11.45 25.21 28.35
C TYR D 51 12.62 25.49 27.41
N ALA D 52 12.37 26.02 26.22
CA ALA D 52 13.47 26.27 25.29
C ALA D 52 14.52 27.21 25.85
N ASP D 53 14.20 27.98 26.90
CA ASP D 53 15.18 28.90 27.46
C ASP D 53 15.96 28.31 28.62
N LYS D 54 15.65 27.09 29.06
CA LYS D 54 16.37 26.52 30.19
C LYS D 54 16.79 25.06 30.01
N LEU D 55 16.21 24.30 29.08
CA LEU D 55 16.47 22.87 28.98
C LEU D 55 17.17 22.53 27.68
N GLU D 56 18.01 21.51 27.75
CA GLU D 56 18.58 20.92 26.56
C GLU D 56 17.48 20.20 25.78
N PHE D 57 17.66 20.12 24.47
CA PHE D 57 16.58 19.66 23.60
C PHE D 57 16.18 18.21 23.90
N MET D 58 17.14 17.29 24.10
CA MET D 58 16.79 15.92 24.51
C MET D 58 15.94 15.91 25.76
N HIS D 59 16.26 16.77 26.73
CA HIS D 59 15.45 16.86 27.93
C HIS D 59 14.07 17.41 27.64
N ILE D 60 13.96 18.35 26.70
CA ILE D 60 12.64 18.85 26.31
C ILE D 60 11.83 17.74 25.66
N LEU D 61 12.47 17.00 24.75
CA LEU D 61 11.78 15.92 24.06
C LEU D 61 11.34 14.85 25.03
N THR D 62 12.11 14.62 26.10
CA THR D 62 11.70 13.68 27.14
C THR D 62 10.43 14.17 27.85
N ARG D 63 10.33 15.47 28.11
CA ARG D 63 9.07 16.03 28.64
C ARG D 63 7.91 15.77 27.69
N VAL D 64 8.14 15.98 26.38
CA VAL D 64 7.10 15.75 25.38
C VAL D 64 6.65 14.29 25.43
N ASN D 65 7.60 13.36 25.57
CA ASN D 65 7.24 11.95 25.69
C ASN D 65 6.29 11.74 26.86
N ARG D 66 6.58 12.37 28.00
CA ARG D 66 5.76 12.18 29.19
C ARG D 66 4.40 12.87 29.04
N LYS D 67 4.37 14.08 28.46
CA LYS D 67 3.09 14.75 28.25
C LYS D 67 2.18 13.93 27.31
N VAL D 68 2.71 13.47 26.17
CA VAL D 68 1.89 12.68 25.24
C VAL D 68 1.43 11.37 25.89
N ALA D 69 2.31 10.73 26.67
CA ALA D 69 2.00 9.41 27.20
C ALA D 69 1.01 9.43 28.34
N THR D 70 0.98 10.48 29.15
CA THR D 70 0.13 10.47 30.34
C THR D 70 -1.06 11.41 30.24
N GLU D 71 -1.10 12.32 29.26
CA GLU D 71 -2.17 13.31 29.19
C GLU D 71 -3.14 13.11 28.05
N PHE D 72 -2.85 12.22 27.11
CA PHE D 72 -3.75 11.97 26.00
C PHE D 72 -4.20 10.53 26.01
N GLU D 73 -5.46 10.32 25.64
CA GLU D 73 -6.04 9.00 25.44
C GLU D 73 -7.14 9.18 24.42
N SER D 74 -7.34 8.17 23.56
CA SER D 74 -8.25 8.37 22.46
C SER D 74 -9.69 8.09 22.87
N PHE D 75 -10.60 8.78 22.20
CA PHE D 75 -12.03 8.61 22.40
C PHE D 75 -12.65 8.32 21.05
N SER D 76 -13.31 7.17 20.92
CA SER D 76 -13.94 6.83 19.65
C SER D 76 -15.22 6.04 19.91
N PHE D 77 -16.23 6.26 19.07
CA PHE D 77 -17.42 5.41 19.11
C PHE D 77 -17.12 4.00 18.62
N ASP D 78 -16.00 3.81 17.94
CA ASP D 78 -15.52 2.51 17.53
C ASP D 78 -14.68 1.94 18.68
N ALA D 79 -15.14 0.85 19.27
CA ALA D 79 -14.41 0.20 20.36
C ALA D 79 -12.97 -0.12 19.97
N THR D 80 -12.74 -0.43 18.70
CA THR D 80 -11.40 -0.80 18.25
C THR D 80 -10.42 0.35 18.39
N PHE D 81 -10.85 1.58 18.13
CA PHE D 81 -9.96 2.73 18.20
C PHE D 81 -10.13 3.52 19.50
N HIS D 82 -10.80 2.94 20.50
CA HIS D 82 -11.16 3.66 21.71
C HIS D 82 -10.16 3.38 22.84
N ALA D 83 -9.90 4.42 23.65
CA ALA D 83 -9.04 4.33 24.82
C ALA D 83 -7.61 3.92 24.45
N LYS D 84 -7.11 4.43 23.34
CA LYS D 84 -5.75 4.08 22.93
C LYS D 84 -4.74 5.15 23.38
N LYS D 85 -3.49 4.73 23.48
CA LYS D 85 -2.36 5.50 24.00
C LYS D 85 -1.30 5.69 22.91
N GLN D 86 -0.30 6.51 23.23
CA GLN D 86 0.75 6.84 22.28
C GLN D 86 2.00 7.24 23.04
N ILE D 87 3.15 6.75 22.60
CA ILE D 87 4.44 7.18 23.12
C ILE D 87 5.27 7.66 21.92
N PRO D 88 5.78 8.88 21.93
CA PRO D 88 6.68 9.30 20.85
C PRO D 88 8.03 8.62 20.96
N CYS D 89 8.93 8.90 20.02
CA CYS D 89 10.14 8.10 19.82
C CYS D 89 11.23 9.04 19.35
N ILE D 90 12.16 9.34 20.24
CA ILE D 90 13.33 10.17 19.95
C ILE D 90 14.42 9.29 19.36
N VAL D 91 14.88 9.61 18.15
CA VAL D 91 16.03 8.95 17.52
C VAL D 91 17.13 9.98 17.33
N SER D 92 18.20 9.86 18.11
CA SER D 92 19.28 10.83 18.11
C SER D 92 20.58 10.25 17.59
N MET D 93 21.06 10.80 16.47
CA MET D 93 22.45 10.71 16.07
C MET D 93 23.23 12.00 16.37
N LEU D 94 22.77 12.82 17.30
CA LEU D 94 23.53 14.02 17.66
C LEU D 94 24.82 13.66 18.40
N THR D 95 25.83 14.51 18.20
CA THR D 95 27.11 14.34 18.87
C THR D 95 27.36 15.38 19.95
N LYS D 96 26.44 16.36 20.13
CA LYS D 96 26.59 17.39 21.14
C LYS D 96 25.22 17.74 21.72
N GLU D 97 25.23 18.46 22.85
CA GLU D 97 24.00 18.98 23.42
C GLU D 97 23.48 20.14 22.58
N LEU D 98 22.16 20.25 22.53
CA LEU D 98 21.51 21.25 21.69
C LEU D 98 20.71 22.19 22.59
N TYR D 99 21.16 23.45 22.68
CA TYR D 99 20.50 24.49 23.44
C TYR D 99 19.98 25.56 22.48
N PHE D 100 18.75 26.01 22.69
CA PHE D 100 18.16 27.06 21.88
C PHE D 100 18.47 28.47 22.39
N TYR D 101 19.00 28.64 23.59
CA TYR D 101 19.38 29.98 24.03
C TYR D 101 20.89 30.22 23.89
C ACE E 1 -10.71 1.64 -22.51
O ACE E 1 -10.00 2.58 -22.69
CH3 ACE E 1 -12.17 1.74 -22.91
N ASP E 2 -10.30 0.48 -21.97
CA ASP E 2 -8.94 0.15 -21.52
C ASP E 2 -8.56 0.75 -20.16
N GLU E 3 -8.65 -0.10 -19.14
CA GLU E 3 -8.28 0.22 -17.76
C GLU E 3 -7.29 -0.83 -17.28
N VAL E 4 -6.61 -0.53 -16.12
CA VAL E 4 -5.76 -1.52 -15.40
C VAL E 4 -6.47 -2.00 -14.12
N Y2Y E 5 -6.25 -3.27 -13.61
C2 Y2Y E 5 -4.07 -2.28 -9.91
C3 Y2Y E 5 -4.10 -1.15 -9.23
O2 Y2Y E 5 -5.16 -0.55 -9.06
CB1 Y2Y E 5 -6.95 -5.26 -12.77
CG1 Y2Y E 5 -8.45 -5.24 -13.17
OD1 Y2Y E 5 -9.07 -4.15 -13.18
OD2 Y2Y E 5 -9.03 -6.26 -13.45
C1 Y2Y E 5 -5.11 -2.33 -10.98
C Y2Y E 5 -5.43 -3.81 -11.54
CA Y2Y E 5 -6.50 -3.84 -12.55
O Y2Y E 5 -5.69 -4.44 -10.69
N ALA E 6 -3.17 -1.05 -8.28
CA ALA E 6 -3.04 0.33 -7.80
C ALA E 6 -1.89 1.06 -8.49
N ALA E 7 -1.79 2.37 -8.23
CA ALA E 7 -0.75 3.20 -8.82
C ALA E 7 0.48 3.18 -7.91
N ALA E 8 1.61 2.70 -8.43
CA ALA E 8 2.85 2.65 -7.65
C ALA E 8 3.52 4.03 -7.58
C ACE F 1 -11.02 13.67 17.03
O ACE F 1 -10.33 14.10 16.15
CH3 ACE F 1 -12.35 14.34 17.38
N ASP F 2 -10.72 12.59 17.75
CA ASP F 2 -9.50 11.79 17.59
C ASP F 2 -9.53 10.92 16.32
N GLU F 3 -8.51 11.08 15.45
CA GLU F 3 -8.32 10.31 14.23
C GLU F 3 -6.88 9.82 14.17
N VAL F 4 -6.57 8.88 13.25
CA VAL F 4 -5.19 8.37 13.14
C VAL F 4 -4.53 8.88 11.86
N Y2Y F 5 -3.20 9.08 11.87
C2 Y2Y F 5 -2.56 6.13 8.57
C3 Y2Y F 5 -3.49 5.43 7.93
O2 Y2Y F 5 -4.66 5.41 8.27
CB1 Y2Y F 5 -1.49 10.35 11.03
CG1 Y2Y F 5 -1.96 11.84 10.99
OD1 Y2Y F 5 -1.43 12.65 11.72
OD2 Y2Y F 5 -2.86 12.21 10.20
C1 Y2Y F 5 -3.13 7.05 9.60
C Y2Y F 5 -2.05 8.13 10.16
CA Y2Y F 5 -2.60 9.32 10.83
O Y2Y F 5 -1.40 8.46 9.34
N ALA F 6 -3.03 4.32 7.35
CA ALA F 6 -3.91 3.50 6.51
C ALA F 6 -4.57 2.41 7.32
N ALA F 7 -5.83 2.10 7.00
CA ALA F 7 -6.52 1.02 7.70
C ALA F 7 -5.72 -0.28 7.59
N ALA F 8 -5.83 -1.11 8.62
CA ALA F 8 -5.06 -2.36 8.63
C ALA F 8 -5.79 -3.45 7.85
#